data_3ZW0
#
_entry.id   3ZW0
#
_cell.length_a   45.110
_cell.length_b   47.250
_cell.length_c   98.330
_cell.angle_alpha   90.00
_cell.angle_beta   90.00
_cell.angle_gamma   90.00
#
_symmetry.space_group_name_H-M   'P 21 21 21'
#
loop_
_entity.id
_entity.type
_entity.pdbx_description
1 polymer 'BAMBL LECTIN'
2 polymer 'BAMBL LECTIN'
3 non-polymer alpha-L-fucopyranose
4 water water
#
loop_
_entity_poly.entity_id
_entity_poly.type
_entity_poly.pdbx_seq_one_letter_code
_entity_poly.pdbx_strand_id
1 'polypeptide(L)'
;MQTAAISWGTTPSIRVYTANGNKITERCYDGSNWYTGAFNQAGDNVSATCWLSGSAVHIRVYATSGGSTTEWCWDGDGWT
RGAYTGL
;
A,C
2 'polypeptide(L)'
;(MHO)QTAAISWGTTPSIRVYTANGNKITERCYDGSNWYTGAFNQAGDNVSATCWLSGSAVHIRVYATSGGSTTEWCWDG
DGWTRGAYTGL
;
B
#
loop_
_chem_comp.id
_chem_comp.type
_chem_comp.name
_chem_comp.formula
FUC L-saccharide, alpha linking alpha-L-fucopyranose 'C6 H12 O5'
#
# COMPACT_ATOMS: atom_id res chain seq x y z
N MET A 1 13.21 -8.90 4.24
CA MET A 1 13.10 -7.41 4.25
C MET A 1 11.77 -7.08 3.58
N GLN A 2 11.15 -5.97 3.96
CA GLN A 2 9.82 -5.67 3.44
C GLN A 2 9.65 -4.16 3.39
N THR A 3 8.88 -3.68 2.42
CA THR A 3 8.68 -2.25 2.26
C THR A 3 7.22 -1.85 2.10
N ALA A 4 7.01 -0.56 2.31
CA ALA A 4 5.77 0.12 2.06
C ALA A 4 6.13 1.38 1.31
N ALA A 5 5.33 1.77 0.33
CA ALA A 5 5.57 2.94 -0.49
C ALA A 5 4.32 3.83 -0.51
N ILE A 6 4.54 5.12 -0.36
CA ILE A 6 3.51 6.16 -0.51
C ILE A 6 4.03 7.30 -1.40
N SER A 7 3.10 8.07 -1.93
CA SER A 7 3.43 9.22 -2.74
C SER A 7 2.25 10.20 -2.67
N TRP A 8 2.57 11.46 -2.93
CA TRP A 8 1.56 12.52 -3.01
C TRP A 8 2.04 13.65 -3.92
N GLY A 9 1.08 14.44 -4.40
CA GLY A 9 1.40 15.56 -5.21
C GLY A 9 1.66 15.14 -6.65
N THR A 10 2.12 16.11 -7.42
CA THR A 10 2.30 15.95 -8.86
C THR A 10 3.76 15.84 -9.19
N THR A 11 4.64 16.22 -8.27
CA THR A 11 6.08 16.18 -8.53
C THR A 11 6.70 14.78 -8.80
N PRO A 12 6.44 13.79 -7.93
CA PRO A 12 5.72 13.77 -6.66
C PRO A 12 6.73 13.74 -5.52
N SER A 13 6.22 13.78 -4.29
CA SER A 13 6.97 13.27 -3.16
C SER A 13 6.68 11.78 -3.02
N ILE A 14 7.71 11.02 -2.60
CA ILE A 14 7.63 9.59 -2.39
C ILE A 14 8.29 9.31 -1.07
N ARG A 15 7.72 8.38 -0.31
CA ARG A 15 8.41 7.83 0.86
C ARG A 15 8.37 6.31 0.79
N VAL A 16 9.51 5.68 1.11
CA VAL A 16 9.64 4.23 1.10
C VAL A 16 10.09 3.85 2.50
N TYR A 17 9.27 3.05 3.18
CA TYR A 17 9.55 2.52 4.53
C TYR A 17 10.05 1.11 4.39
N THR A 18 11.19 0.80 5.02
CA THR A 18 11.79 -0.55 4.88
C THR A 18 11.93 -1.17 6.24
N ALA A 19 11.32 -2.36 6.42
CA ALA A 19 11.48 -3.12 7.65
C ALA A 19 12.57 -4.16 7.35
N ASN A 20 13.66 -4.06 8.09
CA ASN A 20 14.84 -4.89 7.87
C ASN A 20 15.45 -5.14 9.23
N GLY A 21 15.56 -6.41 9.63
CA GLY A 21 16.25 -6.73 10.86
C GLY A 21 15.56 -6.19 12.09
N ASN A 22 14.22 -6.20 12.08
CA ASN A 22 13.38 -5.67 13.18
C ASN A 22 13.36 -4.15 13.35
N LYS A 23 13.87 -3.42 12.36
N LYS A 23 13.82 -3.43 12.35
CA LYS A 23 13.82 -1.97 12.34
CA LYS A 23 13.81 -1.97 12.40
C LYS A 23 13.16 -1.47 11.07
C LYS A 23 13.23 -1.43 11.09
N ILE A 24 12.42 -0.37 11.20
CA ILE A 24 11.84 0.31 10.05
C ILE A 24 12.53 1.66 9.89
N THR A 25 13.01 1.91 8.69
CA THR A 25 13.65 3.18 8.34
C THR A 25 12.95 3.72 7.12
N GLU A 26 13.31 4.97 6.75
CA GLU A 26 12.59 5.72 5.73
C GLU A 26 13.57 6.39 4.78
N ARG A 27 13.25 6.27 3.49
CA ARG A 27 13.94 7.00 2.43
C ARG A 27 12.90 7.85 1.67
N CYS A 28 13.38 8.98 1.19
CA CYS A 28 12.54 10.12 0.83
C CYS A 28 12.99 10.69 -0.47
N TYR A 29 12.00 11.08 -1.28
CA TYR A 29 12.22 11.78 -2.53
C TYR A 29 11.20 12.93 -2.61
N ASP A 30 11.64 14.14 -2.93
CA ASP A 30 10.73 15.26 -3.16
C ASP A 30 11.03 15.98 -4.46
N GLY A 31 11.73 15.32 -5.39
CA GLY A 31 11.98 15.89 -6.69
C GLY A 31 13.41 15.86 -7.20
N SER A 32 14.39 15.65 -6.32
CA SER A 32 15.81 15.61 -6.74
C SER A 32 16.46 14.33 -6.23
N ASN A 33 17.14 14.41 -5.09
CA ASN A 33 17.88 13.27 -4.55
C ASN A 33 17.02 12.46 -3.60
N TRP A 34 17.32 11.17 -3.47
CA TRP A 34 16.81 10.38 -2.35
C TRP A 34 17.58 10.70 -1.08
N TYR A 35 16.90 10.87 0.05
CA TYR A 35 17.59 11.14 1.30
C TYR A 35 16.96 10.34 2.46
N THR A 36 17.66 10.29 3.59
CA THR A 36 17.17 9.52 4.72
C THR A 36 16.29 10.34 5.58
N GLY A 37 15.10 9.76 5.86
CA GLY A 37 14.10 10.37 6.71
C GLY A 37 14.33 10.17 8.18
N ALA A 38 13.58 10.90 8.98
CA ALA A 38 13.66 10.84 10.41
C ALA A 38 12.94 9.63 11.02
N PHE A 39 12.11 8.95 10.23
CA PHE A 39 11.33 7.86 10.75
C PHE A 39 12.24 6.72 11.16
N ASN A 40 12.13 6.32 12.41
CA ASN A 40 12.84 5.13 12.83
C ASN A 40 12.16 4.51 14.03
N GLN A 41 11.63 3.29 13.82
CA GLN A 41 10.90 2.59 14.89
C GLN A 41 11.05 1.10 14.68
N ALA A 42 10.72 0.32 15.69
CA ALA A 42 10.82 -1.12 15.61
C ALA A 42 9.73 -1.68 14.71
N GLY A 43 10.03 -2.80 14.09
CA GLY A 43 9.02 -3.50 13.30
C GLY A 43 9.62 -4.47 12.35
N ASP A 44 8.93 -5.59 12.16
CA ASP A 44 9.29 -6.55 11.11
C ASP A 44 8.39 -6.48 9.89
N ASN A 45 7.29 -5.74 10.01
CA ASN A 45 6.37 -5.50 8.93
C ASN A 45 5.89 -4.05 8.97
N VAL A 46 5.62 -3.47 7.79
CA VAL A 46 5.24 -2.06 7.69
C VAL A 46 4.20 -1.85 6.58
N SER A 47 3.21 -1.00 6.87
CA SER A 47 2.33 -0.44 5.83
C SER A 47 2.25 1.04 6.11
N ALA A 48 1.85 1.82 5.12
CA ALA A 48 1.70 3.25 5.31
C ALA A 48 0.64 3.82 4.39
N THR A 49 0.12 4.98 4.79
CA THR A 49 -0.81 5.75 3.95
C THR A 49 -0.61 7.23 4.25
N CYS A 50 -1.10 8.08 3.38
CA CYS A 50 -0.96 9.50 3.56
C CYS A 50 -2.04 10.27 2.86
N TRP A 51 -2.19 11.51 3.28
CA TRP A 51 -3.11 12.47 2.67
C TRP A 51 -2.58 13.87 2.83
N LEU A 52 -3.17 14.76 2.06
CA LEU A 52 -2.85 16.17 2.10
C LEU A 52 -4.00 16.94 2.72
N SER A 53 -3.65 17.81 3.66
N SER A 53 -3.66 17.82 3.65
CA SER A 53 -4.57 18.81 4.23
CA SER A 53 -4.58 18.81 4.22
C SER A 53 -4.09 20.16 3.71
C SER A 53 -4.10 20.16 3.72
N GLY A 54 -4.73 20.68 2.67
CA GLY A 54 -4.17 21.83 1.99
C GLY A 54 -2.85 21.36 1.36
N SER A 55 -1.74 21.99 1.71
CA SER A 55 -0.42 21.62 1.17
C SER A 55 0.40 20.76 2.14
N ALA A 56 -0.16 20.49 3.30
CA ALA A 56 0.53 19.82 4.40
C ALA A 56 0.23 18.31 4.35
N VAL A 57 1.28 17.52 4.29
CA VAL A 57 1.12 16.07 4.24
C VAL A 57 0.96 15.52 5.66
N HIS A 58 0.10 14.52 5.78
CA HIS A 58 -0.05 13.69 6.95
C HIS A 58 0.23 12.26 6.58
N ILE A 59 1.06 11.59 7.38
CA ILE A 59 1.41 10.19 7.09
C ILE A 59 1.09 9.35 8.29
N ARG A 60 0.57 8.17 8.04
CA ARG A 60 0.45 7.13 9.07
C ARG A 60 1.22 5.88 8.65
N VAL A 61 2.06 5.38 9.55
CA VAL A 61 2.88 4.18 9.32
C VAL A 61 2.47 3.16 10.38
N TYR A 62 2.14 1.94 9.94
CA TYR A 62 1.66 0.89 10.81
C TYR A 62 2.78 -0.10 10.91
N ALA A 63 3.43 -0.12 12.08
CA ALA A 63 4.63 -0.93 12.31
C ALA A 63 4.23 -2.13 13.14
N THR A 64 4.48 -3.33 12.63
CA THR A 64 4.10 -4.56 13.34
C THR A 64 5.37 -5.24 13.80
N SER A 65 5.39 -5.60 15.08
CA SER A 65 6.44 -6.39 15.68
C SER A 65 5.72 -7.55 16.33
N GLY A 66 5.96 -8.75 15.82
CA GLY A 66 5.34 -9.96 16.34
C GLY A 66 3.86 -9.92 16.08
N GLY A 67 3.08 -9.95 17.17
CA GLY A 67 1.64 -9.86 17.11
C GLY A 67 1.03 -8.53 17.51
N SER A 68 1.84 -7.46 17.51
CA SER A 68 1.42 -6.11 17.90
C SER A 68 1.68 -5.06 16.80
N THR A 69 0.68 -4.23 16.50
CA THR A 69 0.84 -3.15 15.53
C THR A 69 0.73 -1.81 16.23
N THR A 70 1.74 -0.97 16.00
CA THR A 70 1.77 0.39 16.50
C THR A 70 1.66 1.38 15.36
N GLU A 71 0.82 2.38 15.54
CA GLU A 71 0.66 3.48 14.57
C GLU A 71 1.59 4.64 14.91
N TRP A 72 2.30 5.12 13.90
CA TRP A 72 3.16 6.30 14.00
C TRP A 72 2.68 7.37 13.05
N CYS A 73 2.61 8.61 13.54
CA CYS A 73 1.96 9.69 12.81
C CYS A 73 2.91 10.80 12.48
N TRP A 74 2.84 11.31 11.26
CA TRP A 74 3.52 12.56 10.91
C TRP A 74 2.47 13.56 10.52
N ASP A 75 2.44 14.70 11.22
CA ASP A 75 1.48 15.75 10.94
C ASP A 75 2.18 17.12 10.89
N GLY A 76 3.45 17.10 10.50
CA GLY A 76 4.21 18.28 10.17
C GLY A 76 5.25 18.67 11.21
N ASP A 77 5.26 17.97 12.34
CA ASP A 77 6.18 18.35 13.43
C ASP A 77 6.62 17.17 14.29
N GLY A 78 7.27 16.20 13.66
CA GLY A 78 7.81 15.01 14.30
C GLY A 78 6.86 13.81 14.32
N TRP A 79 7.44 12.63 14.48
CA TRP A 79 6.65 11.41 14.50
C TRP A 79 6.13 11.20 15.91
N THR A 80 4.85 10.87 15.99
CA THR A 80 4.19 10.68 17.30
C THR A 80 3.45 9.36 17.27
N ARG A 81 3.37 8.73 18.43
CA ARG A 81 2.60 7.51 18.55
C ARG A 81 1.12 7.80 18.45
N GLY A 82 0.44 6.99 17.66
CA GLY A 82 -0.99 7.17 17.40
C GLY A 82 -1.86 6.29 18.30
N ALA A 83 -3.18 6.58 18.28
CA ALA A 83 -4.16 5.85 19.07
C ALA A 83 -4.56 4.48 18.54
N TYR A 84 -4.16 4.13 17.33
CA TYR A 84 -4.52 2.83 16.77
C TYR A 84 -4.22 1.69 17.72
N THR A 85 -5.20 0.81 17.88
CA THR A 85 -4.98 -0.48 18.45
C THR A 85 -5.68 -1.50 17.56
N GLY A 86 -5.24 -2.75 17.65
CA GLY A 86 -5.89 -3.84 16.90
C GLY A 86 -7.19 -4.38 17.52
N LEU A 87 -7.47 -3.97 18.75
CA LEU A 87 -8.62 -4.43 19.53
C LEU A 87 -8.80 -3.57 20.77
N MHO B 1 2.56 -11.66 11.23
CA MHO B 1 1.43 -10.69 11.13
CB MHO B 1 1.14 -10.20 12.55
CG MHO B 1 -0.07 -9.32 12.56
SD MHO B 1 -0.33 -8.77 14.18
CE MHO B 1 -0.93 -7.21 14.35
C MHO B 1 1.80 -9.62 10.14
O MHO B 1 2.92 -9.14 10.11
OD1 MHO B 1 -1.52 -9.62 14.17
N GLN B 2 0.85 -9.19 9.32
CA GLN B 2 1.13 -8.23 8.26
C GLN B 2 -0.05 -7.33 8.05
N THR B 3 0.18 -6.09 7.63
CA THR B 3 -0.93 -5.15 7.45
C THR B 3 -0.85 -4.42 6.11
N ALA B 4 -2.02 -3.89 5.72
CA ALA B 4 -2.17 -2.97 4.61
C ALA B 4 -3.00 -1.80 5.12
N ALA B 5 -2.72 -0.61 4.59
CA ALA B 5 -3.34 0.57 5.07
C ALA B 5 -3.82 1.39 3.88
N ILE B 6 -5.04 1.93 3.97
CA ILE B 6 -5.58 2.83 2.96
C ILE B 6 -6.25 4.02 3.66
N SER B 7 -6.45 5.10 2.89
CA SER B 7 -7.16 6.26 3.39
C SER B 7 -7.76 7.04 2.25
N TRP B 8 -8.76 7.82 2.60
CA TRP B 8 -9.44 8.67 1.64
C TRP B 8 -10.07 9.88 2.26
N GLY B 9 -10.31 10.86 1.38
CA GLY B 9 -10.93 12.12 1.79
C GLY B 9 -10.00 12.98 2.60
N THR B 10 -10.60 13.97 3.25
CA THR B 10 -9.90 14.99 3.99
C THR B 10 -9.94 14.80 5.52
N THR B 11 -10.82 13.95 6.04
CA THR B 11 -10.92 13.77 7.49
C THR B 11 -9.65 13.24 8.14
N PRO B 12 -9.06 12.15 7.61
CA PRO B 12 -9.53 11.25 6.55
C PRO B 12 -10.23 10.04 7.17
N SER B 13 -10.73 9.19 6.30
CA SER B 13 -11.07 7.84 6.71
C SER B 13 -9.85 6.99 6.46
N ILE B 14 -9.57 6.09 7.40
CA ILE B 14 -8.46 5.15 7.28
C ILE B 14 -9.01 3.76 7.51
N ARG B 15 -8.52 2.80 6.75
CA ARG B 15 -8.76 1.38 7.04
C ARG B 15 -7.41 0.67 7.12
N VAL B 16 -7.28 -0.20 8.10
CA VAL B 16 -6.05 -1.01 8.29
C VAL B 16 -6.51 -2.48 8.34
N TYR B 17 -5.99 -3.23 7.37
CA TYR B 17 -6.25 -4.67 7.24
C TYR B 17 -5.09 -5.44 7.84
N THR B 18 -5.39 -6.44 8.68
CA THR B 18 -4.30 -7.23 9.33
C THR B 18 -4.55 -8.70 9.00
N ALA B 19 -3.55 -9.32 8.39
CA ALA B 19 -3.46 -10.75 8.19
C ALA B 19 -2.71 -11.34 9.37
N ASN B 20 -3.36 -12.24 10.09
CA ASN B 20 -2.80 -12.90 11.25
C ASN B 20 -3.09 -14.37 11.11
N GLY B 21 -2.05 -15.15 10.86
CA GLY B 21 -2.20 -16.55 10.51
C GLY B 21 -2.78 -16.67 9.12
N ASN B 22 -4.03 -17.11 9.05
CA ASN B 22 -4.78 -17.13 7.81
C ASN B 22 -6.10 -16.39 7.91
N LYS B 23 -6.15 -15.36 8.76
CA LYS B 23 -7.36 -14.55 8.89
C LYS B 23 -7.03 -13.09 8.68
N ILE B 24 -7.78 -12.42 7.82
CA ILE B 24 -7.67 -10.96 7.64
C ILE B 24 -8.88 -10.27 8.28
N THR B 25 -8.60 -9.29 9.13
CA THR B 25 -9.60 -8.48 9.77
C THR B 25 -9.29 -7.00 9.50
N GLU B 26 -10.18 -6.12 9.96
CA GLU B 26 -10.19 -4.70 9.54
C GLU B 26 -10.49 -3.80 10.71
N ARG B 27 -9.67 -2.75 10.85
CA ARG B 27 -9.92 -1.66 11.81
C ARG B 27 -10.11 -0.37 11.05
N CYS B 28 -11.00 0.47 11.56
CA CYS B 28 -11.48 1.63 10.82
C CYS B 28 -11.41 2.90 11.64
N TYR B 29 -11.14 4.02 10.96
CA TYR B 29 -11.23 5.33 11.55
C TYR B 29 -11.98 6.24 10.57
N ASP B 30 -12.99 6.96 11.07
CA ASP B 30 -13.72 7.94 10.29
C ASP B 30 -13.78 9.31 10.96
N GLY B 31 -12.90 9.53 11.92
CA GLY B 31 -12.81 10.85 12.56
C GLY B 31 -12.97 10.82 14.06
N SER B 32 -13.58 9.76 14.60
N SER B 32 -13.56 9.74 14.58
CA SER B 32 -13.74 9.65 16.04
CA SER B 32 -13.79 9.61 16.00
C SER B 32 -12.77 8.59 16.57
C SER B 32 -12.80 8.60 16.58
N ASN B 33 -13.29 7.52 17.15
CA ASN B 33 -12.43 6.47 17.65
C ASN B 33 -12.21 5.41 16.59
N TRP B 34 -11.20 4.59 16.79
CA TRP B 34 -11.03 3.40 15.97
C TRP B 34 -12.11 2.40 16.29
N TYR B 35 -12.66 1.81 15.24
CA TYR B 35 -13.70 0.82 15.42
C TYR B 35 -13.42 -0.44 14.59
N THR B 36 -14.21 -1.48 14.84
CA THR B 36 -13.98 -2.78 14.19
C THR B 36 -14.76 -2.85 12.90
N GLY B 37 -14.06 -3.17 11.83
CA GLY B 37 -14.67 -3.20 10.51
C GLY B 37 -15.34 -4.53 10.24
N ALA B 38 -16.21 -4.51 9.26
CA ALA B 38 -16.98 -5.71 8.88
C ALA B 38 -16.15 -6.71 8.04
N PHE B 39 -15.01 -6.28 7.49
CA PHE B 39 -14.23 -7.18 6.68
C PHE B 39 -13.63 -8.34 7.46
N ASN B 40 -13.93 -9.57 7.02
CA ASN B 40 -13.38 -10.79 7.62
C ASN B 40 -13.28 -11.79 6.51
N GLN B 41 -12.09 -12.07 6.03
CA GLN B 41 -11.88 -13.08 5.00
C GLN B 41 -10.55 -13.76 5.25
N ALA B 42 -10.34 -14.91 4.61
CA ALA B 42 -9.11 -15.67 4.79
C ALA B 42 -7.94 -15.05 4.08
N GLY B 43 -6.75 -15.23 4.66
CA GLY B 43 -5.49 -14.85 4.04
C GLY B 43 -4.35 -14.69 5.01
N ASP B 44 -3.16 -14.95 4.49
CA ASP B 44 -1.91 -14.75 5.24
C ASP B 44 -1.20 -13.46 4.77
N ASN B 45 -1.76 -12.80 3.75
CA ASN B 45 -1.17 -11.59 3.21
C ASN B 45 -2.27 -10.73 2.63
N VAL B 46 -2.14 -9.43 2.80
CA VAL B 46 -3.14 -8.51 2.30
C VAL B 46 -2.55 -7.26 1.67
N SER B 47 -3.17 -6.83 0.57
CA SER B 47 -2.96 -5.48 0.05
C SER B 47 -4.31 -4.84 -0.26
N ALA B 48 -4.32 -3.50 -0.40
CA ALA B 48 -5.57 -2.81 -0.62
C ALA B 48 -5.34 -1.50 -1.35
N THR B 49 -6.37 -1.08 -2.06
CA THR B 49 -6.38 0.20 -2.74
C THR B 49 -7.80 0.74 -2.67
N CYS B 50 -7.96 2.06 -2.80
CA CYS B 50 -9.28 2.65 -2.71
C CYS B 50 -9.36 3.94 -3.48
N TRP B 51 -10.60 4.40 -3.71
CA TRP B 51 -10.80 5.68 -4.39
C TRP B 51 -12.22 6.16 -4.07
N LEU B 52 -12.43 7.48 -4.22
CA LEU B 52 -13.73 8.09 -4.05
C LEU B 52 -14.20 8.50 -5.42
N SER B 53 -15.45 8.18 -5.72
N SER B 53 -15.46 8.21 -5.69
CA SER B 53 -16.15 8.80 -6.82
CA SER B 53 -16.18 8.80 -6.80
C SER B 53 -17.19 9.73 -6.18
C SER B 53 -17.21 9.74 -6.19
N GLY B 54 -16.88 11.02 -6.10
CA GLY B 54 -17.73 11.98 -5.42
C GLY B 54 -17.68 11.77 -3.93
N SER B 55 -18.77 11.31 -3.37
CA SER B 55 -18.78 10.91 -1.98
C SER B 55 -18.77 9.39 -1.82
N ALA B 56 -18.86 8.63 -2.92
CA ALA B 56 -18.97 7.17 -2.86
C ALA B 56 -17.57 6.53 -2.75
N VAL B 57 -17.32 5.78 -1.67
N VAL B 57 -17.32 5.78 -1.68
CA VAL B 57 -16.03 5.09 -1.50
CA VAL B 57 -16.03 5.12 -1.51
C VAL B 57 -16.07 3.71 -2.15
C VAL B 57 -16.05 3.72 -2.13
N HIS B 58 -14.94 3.36 -2.75
CA HIS B 58 -14.75 2.05 -3.38
C HIS B 58 -13.44 1.51 -2.88
N ILE B 59 -13.49 0.31 -2.31
CA ILE B 59 -12.30 -0.35 -1.78
C ILE B 59 -12.09 -1.70 -2.48
N ARG B 60 -10.81 -2.01 -2.79
CA ARG B 60 -10.44 -3.32 -3.31
C ARG B 60 -9.35 -3.90 -2.38
N VAL B 61 -9.63 -5.06 -1.80
CA VAL B 61 -8.71 -5.80 -0.92
C VAL B 61 -8.30 -7.09 -1.60
N TYR B 62 -6.99 -7.33 -1.69
CA TYR B 62 -6.42 -8.54 -2.31
C TYR B 62 -5.93 -9.43 -1.18
N ALA B 63 -6.68 -10.50 -0.95
CA ALA B 63 -6.50 -11.44 0.19
C ALA B 63 -5.82 -12.68 -0.35
N THR B 64 -4.62 -12.92 0.10
CA THR B 64 -3.83 -14.02 -0.41
C THR B 64 -3.67 -15.06 0.67
N SER B 65 -4.01 -16.30 0.33
CA SER B 65 -3.84 -17.42 1.23
C SER B 65 -3.03 -18.46 0.43
N GLY B 66 -1.81 -18.72 0.90
CA GLY B 66 -0.91 -19.55 0.13
C GLY B 66 -0.72 -18.93 -1.24
N GLY B 67 -0.87 -19.74 -2.29
CA GLY B 67 -0.62 -19.25 -3.64
C GLY B 67 -1.84 -18.73 -4.41
N SER B 68 -2.91 -18.40 -3.69
CA SER B 68 -4.15 -17.92 -4.31
C SER B 68 -4.56 -16.57 -3.75
N THR B 69 -4.87 -15.63 -4.64
CA THR B 69 -5.32 -14.29 -4.25
C THR B 69 -6.78 -14.09 -4.66
N THR B 70 -7.61 -13.66 -3.71
CA THR B 70 -9.00 -13.36 -3.98
C THR B 70 -9.22 -11.86 -3.76
N GLU B 71 -9.92 -11.23 -4.70
CA GLU B 71 -10.24 -9.80 -4.59
C GLU B 71 -11.58 -9.64 -3.91
N TRP B 72 -11.62 -8.77 -2.91
CA TRP B 72 -12.86 -8.45 -2.24
C TRP B 72 -13.15 -6.97 -2.46
N CYS B 73 -14.41 -6.67 -2.76
CA CYS B 73 -14.78 -5.33 -3.18
C CYS B 73 -15.84 -4.75 -2.27
N TRP B 74 -15.62 -3.49 -1.87
CA TRP B 74 -16.59 -2.73 -1.11
C TRP B 74 -16.97 -1.53 -1.96
N ASP B 75 -18.28 -1.37 -2.14
CA ASP B 75 -18.79 -0.29 -2.99
C ASP B 75 -20.05 0.32 -2.34
N GLY B 76 -20.07 0.39 -1.01
CA GLY B 76 -21.16 1.04 -0.26
C GLY B 76 -22.26 0.16 0.30
N ASP B 77 -22.26 -1.12 -0.08
CA ASP B 77 -23.34 -2.05 0.26
C ASP B 77 -22.88 -3.51 0.43
N GLY B 78 -21.81 -3.71 1.17
CA GLY B 78 -21.36 -5.05 1.48
C GLY B 78 -20.10 -5.45 0.72
N TRP B 79 -19.40 -6.46 1.23
CA TRP B 79 -18.21 -6.95 0.55
C TRP B 79 -18.58 -8.07 -0.40
N THR B 80 -18.14 -7.99 -1.65
CA THR B 80 -18.40 -9.07 -2.61
C THR B 80 -17.11 -9.47 -3.32
N ARG B 81 -17.11 -10.69 -3.86
N ARG B 81 -17.13 -10.66 -3.90
CA ARG B 81 -15.97 -11.24 -4.61
CA ARG B 81 -15.96 -11.19 -4.56
C ARG B 81 -15.81 -10.52 -5.94
C ARG B 81 -15.80 -10.54 -5.93
N GLY B 82 -14.62 -9.99 -6.20
CA GLY B 82 -14.31 -9.41 -7.49
C GLY B 82 -13.79 -10.43 -8.49
N ALA B 83 -13.73 -9.99 -9.74
CA ALA B 83 -13.34 -10.81 -10.89
C ALA B 83 -11.89 -11.20 -10.95
N TYR B 84 -11.04 -10.57 -10.15
CA TYR B 84 -9.61 -10.88 -10.17
C TYR B 84 -9.28 -12.35 -10.14
N THR B 85 -8.37 -12.74 -11.04
CA THR B 85 -7.66 -14.00 -10.91
C THR B 85 -6.17 -13.70 -11.08
N GLY B 86 -5.36 -14.56 -10.49
CA GLY B 86 -3.91 -14.39 -10.58
C GLY B 86 -3.35 -15.14 -11.79
N LEU B 87 -2.11 -15.58 -11.70
CA LEU B 87 -1.51 -16.32 -12.84
C LEU B 87 -2.14 -17.68 -12.95
N MET C 1 3.40 -15.94 -0.40
CA MET C 1 3.14 -15.03 -1.56
C MET C 1 2.71 -13.67 -0.97
N GLN C 2 3.11 -12.59 -1.64
CA GLN C 2 2.87 -11.23 -1.15
C GLN C 2 2.43 -10.34 -2.30
N THR C 3 1.50 -9.44 -2.04
CA THR C 3 1.08 -8.55 -3.09
C THR C 3 1.15 -7.08 -2.74
N ALA C 4 1.05 -6.26 -3.80
CA ALA C 4 0.87 -4.83 -3.66
C ALA C 4 -0.19 -4.41 -4.66
N ALA C 5 -0.98 -3.39 -4.32
CA ALA C 5 -2.09 -2.99 -5.14
C ALA C 5 -2.13 -1.48 -5.28
N ILE C 6 -2.36 -1.04 -6.50
CA ILE C 6 -2.49 0.38 -6.80
C ILE C 6 -3.65 0.61 -7.75
N SER C 7 -4.13 1.86 -7.85
CA SER C 7 -5.21 2.19 -8.78
C SER C 7 -5.13 3.67 -9.12
N TRP C 8 -5.68 4.02 -10.27
CA TRP C 8 -5.69 5.42 -10.70
C TRP C 8 -6.76 5.72 -11.70
N GLY C 9 -7.09 6.99 -11.69
CA GLY C 9 -7.88 7.60 -12.73
C GLY C 9 -9.38 7.37 -12.65
N THR C 10 -10.00 7.65 -13.78
CA THR C 10 -11.43 7.64 -13.83
C THR C 10 -12.12 6.28 -13.81
N THR C 11 -11.45 5.24 -14.30
CA THR C 11 -12.09 3.91 -14.35
C THR C 11 -12.43 3.32 -12.99
N PRO C 12 -11.44 3.13 -12.11
CA PRO C 12 -9.99 3.30 -12.25
C PRO C 12 -9.34 2.08 -12.82
N SER C 13 -8.15 2.24 -13.38
CA SER C 13 -7.29 1.08 -13.62
C SER C 13 -6.73 0.58 -12.33
N ILE C 14 -6.49 -0.72 -12.25
CA ILE C 14 -5.90 -1.34 -11.06
C ILE C 14 -4.73 -2.17 -11.52
N ARG C 15 -3.66 -2.16 -10.74
CA ARG C 15 -2.58 -3.11 -10.93
C ARG C 15 -2.30 -3.82 -9.60
N VAL C 16 -2.12 -5.14 -9.67
CA VAL C 16 -1.77 -5.94 -8.54
C VAL C 16 -0.44 -6.62 -8.88
N TYR C 17 0.57 -6.39 -8.05
CA TYR C 17 1.91 -7.01 -8.17
C TYR C 17 1.98 -8.17 -7.18
N THR C 18 2.42 -9.33 -7.65
CA THR C 18 2.54 -10.50 -6.80
C THR C 18 3.96 -11.02 -6.78
N ALA C 19 4.52 -11.15 -5.58
CA ALA C 19 5.84 -11.78 -5.37
C ALA C 19 5.62 -13.21 -4.92
N ASN C 20 6.14 -14.15 -5.69
CA ASN C 20 6.12 -15.57 -5.29
C ASN C 20 7.35 -16.22 -5.89
N GLY C 21 8.04 -17.04 -5.11
CA GLY C 21 9.18 -17.78 -5.69
C GLY C 21 10.25 -16.92 -6.33
N ASN C 22 10.52 -15.79 -5.70
CA ASN C 22 11.46 -14.76 -6.12
C ASN C 22 11.16 -14.11 -7.47
N LYS C 23 9.92 -14.20 -7.91
CA LYS C 23 9.49 -13.51 -9.12
C LYS C 23 8.34 -12.61 -8.77
N ILE C 24 8.41 -11.36 -9.26
CA ILE C 24 7.25 -10.45 -9.16
C ILE C 24 6.60 -10.32 -10.55
N THR C 25 5.28 -10.51 -10.60
CA THR C 25 4.48 -10.44 -11.81
C THR C 25 3.32 -9.46 -11.57
N GLU C 26 2.57 -9.17 -12.61
CA GLU C 26 1.60 -8.07 -12.57
C GLU C 26 0.32 -8.45 -13.27
N ARG C 27 -0.83 -8.28 -12.60
CA ARG C 27 -2.14 -8.44 -13.18
C ARG C 27 -2.85 -7.09 -13.24
N CYS C 28 -3.61 -6.89 -14.30
CA CYS C 28 -4.07 -5.57 -14.71
C CYS C 28 -5.55 -5.53 -15.02
N TYR C 29 -6.21 -4.47 -14.57
CA TYR C 29 -7.61 -4.20 -14.86
C TYR C 29 -7.67 -2.79 -15.44
N ASP C 30 -8.30 -2.68 -16.62
CA ASP C 30 -8.56 -1.40 -17.25
C ASP C 30 -10.04 -1.37 -17.64
N GLY C 31 -10.91 -1.85 -16.77
CA GLY C 31 -12.33 -1.70 -17.02
C GLY C 31 -13.03 -2.91 -17.59
N SER C 32 -12.25 -3.95 -17.91
CA SER C 32 -12.80 -5.17 -18.52
C SER C 32 -12.13 -6.38 -17.90
N ASN C 33 -11.80 -7.38 -18.69
CA ASN C 33 -11.21 -8.60 -18.15
C ASN C 33 -9.83 -8.28 -17.59
N TRP C 34 -9.41 -9.03 -16.57
CA TRP C 34 -8.04 -8.92 -16.07
C TRP C 34 -7.07 -9.57 -17.05
N TYR C 35 -5.86 -9.02 -17.14
CA TYR C 35 -4.84 -9.54 -18.02
C TYR C 35 -3.51 -9.43 -17.35
N THR C 36 -2.53 -10.14 -17.94
CA THR C 36 -1.18 -10.16 -17.37
C THR C 36 -0.36 -9.02 -17.97
N GLY C 37 0.26 -8.24 -17.09
CA GLY C 37 1.00 -7.05 -17.48
C GLY C 37 2.43 -7.36 -17.86
N ALA C 38 3.09 -6.34 -18.45
CA ALA C 38 4.49 -6.43 -18.86
C ALA C 38 5.53 -6.43 -17.72
N PHE C 39 5.14 -6.14 -16.50
CA PHE C 39 6.08 -6.11 -15.42
C PHE C 39 6.58 -7.52 -15.05
N ASN C 40 7.90 -7.72 -15.06
CA ASN C 40 8.51 -8.97 -14.59
C ASN C 40 9.89 -8.62 -14.01
N GLN C 41 10.05 -8.74 -12.70
CA GLN C 41 11.34 -8.51 -12.04
C GLN C 41 11.50 -9.43 -10.88
N ALA C 42 12.74 -9.60 -10.42
CA ALA C 42 12.99 -10.47 -9.31
C ALA C 42 12.53 -9.82 -8.03
N GLY C 43 12.07 -10.65 -7.11
CA GLY C 43 11.89 -10.22 -5.72
C GLY C 43 11.00 -11.13 -4.91
N ASP C 44 11.19 -11.10 -3.59
CA ASP C 44 10.37 -11.84 -2.67
C ASP C 44 9.36 -10.95 -1.95
N ASN C 45 9.53 -9.64 -2.10
N ASN C 45 9.52 -9.64 -2.09
CA ASN C 45 8.63 -8.66 -1.50
CA ASN C 45 8.60 -8.67 -1.48
C ASN C 45 8.43 -7.51 -2.47
C ASN C 45 8.44 -7.50 -2.43
N VAL C 46 7.25 -6.89 -2.41
CA VAL C 46 6.91 -5.80 -3.32
C VAL C 46 6.00 -4.77 -2.68
N SER C 47 6.31 -3.50 -2.97
CA SER C 47 5.41 -2.37 -2.71
C SER C 47 5.32 -1.55 -3.97
N ALA C 48 4.25 -0.76 -4.08
CA ALA C 48 4.03 0.06 -5.22
C ALA C 48 3.22 1.30 -4.90
N THR C 49 3.45 2.35 -5.68
CA THR C 49 2.70 3.58 -5.55
C THR C 49 2.62 4.21 -6.92
N CYS C 50 1.62 5.07 -7.14
CA CYS C 50 1.47 5.72 -8.43
C CYS C 50 0.83 7.11 -8.27
N TRP C 51 0.99 7.91 -9.30
CA TRP C 51 0.37 9.23 -9.38
C TRP C 51 0.05 9.60 -10.82
N LEU C 52 -0.73 10.66 -11.01
CA LEU C 52 -1.23 11.05 -12.32
C LEU C 52 -0.56 12.32 -12.84
N SER C 53 -0.32 12.32 -14.13
CA SER C 53 -0.03 13.54 -14.88
C SER C 53 -1.18 13.68 -15.85
N GLY C 54 -2.25 14.38 -15.42
CA GLY C 54 -3.48 14.37 -16.17
C GLY C 54 -4.16 13.02 -16.14
N SER C 55 -4.16 12.34 -17.28
CA SER C 55 -4.66 10.98 -17.35
C SER C 55 -3.53 9.96 -17.48
N ALA C 56 -2.28 10.42 -17.57
CA ALA C 56 -1.16 9.50 -17.70
C ALA C 56 -0.68 9.06 -16.33
N VAL C 57 -0.45 7.76 -16.16
CA VAL C 57 0.08 7.24 -14.90
C VAL C 57 1.60 7.14 -14.85
N HIS C 58 2.11 7.40 -13.65
CA HIS C 58 3.48 7.10 -13.25
C HIS C 58 3.43 6.10 -12.14
N ILE C 59 4.11 4.96 -12.30
CA ILE C 59 4.13 3.91 -11.30
C ILE C 59 5.54 3.69 -10.82
N ARG C 60 5.68 3.49 -9.52
CA ARG C 60 6.94 3.03 -8.91
C ARG C 60 6.66 1.74 -8.18
N VAL C 61 7.45 0.69 -8.52
CA VAL C 61 7.40 -0.60 -7.87
C VAL C 61 8.73 -0.83 -7.16
N TYR C 62 8.67 -1.20 -5.88
CA TYR C 62 9.89 -1.40 -5.05
C TYR C 62 9.97 -2.92 -4.85
N ALA C 63 10.91 -3.51 -5.56
CA ALA C 63 11.13 -4.96 -5.62
C ALA C 63 12.29 -5.30 -4.70
N THR C 64 12.02 -6.05 -3.63
CA THR C 64 13.02 -6.44 -2.64
C THR C 64 13.41 -7.89 -2.94
N SER C 65 14.70 -8.08 -3.20
CA SER C 65 15.29 -9.41 -3.31
C SER C 65 16.34 -9.50 -2.25
N GLY C 66 16.05 -10.29 -1.21
CA GLY C 66 16.94 -10.42 -0.06
C GLY C 66 17.09 -9.10 0.69
N GLY C 67 18.34 -8.62 0.77
CA GLY C 67 18.65 -7.44 1.54
C GLY C 67 18.74 -6.22 0.67
N SER C 68 18.23 -6.31 -0.55
CA SER C 68 18.29 -5.20 -1.46
C SER C 68 16.96 -4.86 -2.16
N THR C 69 16.60 -3.57 -2.14
CA THR C 69 15.41 -3.07 -2.87
C THR C 69 15.82 -2.28 -4.12
N THR C 70 15.20 -2.61 -5.26
CA THR C 70 15.37 -1.93 -6.54
C THR C 70 14.02 -1.29 -6.91
N GLU C 71 14.06 -0.03 -7.30
CA GLU C 71 12.89 0.66 -7.84
C GLU C 71 12.77 0.46 -9.35
N TRP C 72 11.54 0.17 -9.79
CA TRP C 72 11.20 0.05 -11.19
C TRP C 72 10.11 1.07 -11.52
N CYS C 73 10.28 1.76 -12.65
CA CYS C 73 9.49 2.94 -12.99
C CYS C 73 8.75 2.70 -14.29
N TRP C 74 7.44 3.00 -14.31
CA TRP C 74 6.65 3.09 -15.49
C TRP C 74 6.22 4.54 -15.63
N ASP C 75 6.60 5.11 -16.77
CA ASP C 75 6.29 6.50 -17.13
C ASP C 75 5.76 6.60 -18.54
N GLY C 76 5.13 5.53 -18.98
CA GLY C 76 4.31 5.59 -20.19
C GLY C 76 4.85 4.78 -21.33
N ASP C 77 6.11 4.35 -21.25
CA ASP C 77 6.65 3.51 -22.32
C ASP C 77 7.76 2.63 -21.78
N GLY C 78 7.36 1.58 -21.08
CA GLY C 78 8.28 0.59 -20.62
C GLY C 78 8.72 0.73 -19.18
N TRP C 79 9.18 -0.36 -18.60
CA TRP C 79 9.72 -0.32 -17.26
C TRP C 79 11.21 0.02 -17.25
N THR C 80 11.59 1.01 -16.44
CA THR C 80 13.00 1.42 -16.31
C THR C 80 13.50 1.35 -14.88
N ARG C 81 14.80 1.17 -14.68
CA ARG C 81 15.34 1.13 -13.33
C ARG C 81 15.36 2.54 -12.75
N GLY C 82 14.83 2.70 -11.55
CA GLY C 82 14.83 4.00 -10.93
C GLY C 82 16.09 4.31 -10.14
N ALA C 83 16.19 5.56 -9.67
CA ALA C 83 17.33 6.00 -8.87
C ALA C 83 17.34 5.63 -7.40
N TYR C 84 16.23 5.10 -6.86
CA TYR C 84 16.13 4.76 -5.47
C TYR C 84 17.34 3.98 -4.96
N THR C 85 17.82 4.38 -3.80
CA THR C 85 18.73 3.57 -2.99
C THR C 85 18.25 3.55 -1.56
N GLY C 86 18.57 2.48 -0.84
CA GLY C 86 18.32 2.35 0.57
C GLY C 86 19.44 2.91 1.43
N LEU C 87 19.43 2.50 2.69
CA LEU C 87 20.53 2.83 3.62
C LEU C 87 21.76 2.02 3.26
C1 FUC D . 0.07 -2.06 -19.02
C2 FUC D . 1.03 -3.00 -18.32
C3 FUC D . 2.25 -2.24 -17.81
C4 FUC D . 1.79 -1.11 -16.88
C5 FUC D . 0.86 -0.20 -17.68
C6 FUC D . 0.29 0.94 -16.84
O1 FUC D . 0.65 -1.52 -20.20
O2 FUC D . 1.42 -4.00 -19.29
O3 FUC D . 3.15 -3.18 -17.18
O4 FUC D . 1.02 -1.68 -15.82
O5 FUC D . -0.27 -0.94 -18.15
#